data_7O8Z
#
_entry.id   7O8Z
#
_cell.length_a   104.480
_cell.length_b   51.180
_cell.length_c   78.330
_cell.angle_alpha   90.000
_cell.angle_beta   131.780
_cell.angle_gamma   90.000
#
_symmetry.space_group_name_H-M   'C 1 2 1'
#
loop_
_entity.id
_entity.type
_entity.pdbx_description
1 polymer 'Chloride pumping rhodopsin'
2 non-polymer RETINAL
3 non-polymer 'BROMIDE ION'
4 non-polymer '(2R)-2,3-dihydroxypropyl (9Z)-octadec-9-enoate'
5 non-polymer 'OLEIC ACID'
6 water water
#
_entity_poly.entity_id   1
_entity_poly.type   'polypeptide(L)'
_entity_poly.pdbx_seq_one_letter_code
;MASMTGGQQMGRDPNSMKNIESLFDYSAGQFEFIDHLLTMGVGVHFAALIFFLVVSQFVAPKYRIATALSCIVMVSAGLI
LNSQAVMWTDAYAYVDGSYQLQDLTFSNGYRYVNWMATIPCLLLQLLIVLNLKGKELFSTATWLILAAWGMIITGYVGQL
YEVDDIAQLMIWGAVSTAFFVVMNWIVGTKIFKNRATMLGGTDSTITKVFWLMMFAWTLYPIAYLVPAFMNNADGVVLRQ
LLFTIADISSKVIYGLMITYIAIQQSAAAGYVPAQQALGRIGMDSKAALEHHHHHH
;
_entity_poly.pdbx_strand_id   A
#
loop_
_chem_comp.id
_chem_comp.type
_chem_comp.name
_chem_comp.formula
BR non-polymer 'BROMIDE ION' 'Br -1'
OLA non-polymer 'OLEIC ACID' 'C18 H34 O2'
OLC non-polymer '(2R)-2,3-dihydroxypropyl (9Z)-octadec-9-enoate' 'C21 H40 O4'
RET non-polymer RETINAL 'C20 H28 O'
#
# COMPACT_ATOMS: atom_id res chain seq x y z
N MET A 17 2.03 23.72 0.33
CA MET A 17 1.27 24.75 -0.37
C MET A 17 0.63 24.21 -1.65
N LYS A 18 1.16 23.12 -2.16
CA LYS A 18 0.65 22.52 -3.40
C LYS A 18 -0.45 21.50 -3.15
N ASN A 19 -0.76 21.18 -1.89
CA ASN A 19 -1.81 20.23 -1.56
C ASN A 19 -2.97 20.97 -0.92
N ILE A 20 -4.18 20.43 -1.11
CA ILE A 20 -5.39 21.10 -0.64
C ILE A 20 -5.46 21.16 0.88
N GLU A 21 -4.69 20.34 1.59
CA GLU A 21 -4.74 20.38 3.05
C GLU A 21 -4.41 21.76 3.58
N SER A 22 -3.57 22.51 2.87
CA SER A 22 -3.13 23.82 3.33
C SER A 22 -4.16 24.90 3.14
N LEU A 23 -5.23 24.63 2.39
CA LEU A 23 -6.20 25.67 2.08
C LEU A 23 -7.21 25.91 3.18
N PHE A 24 -7.34 24.99 4.14
CA PHE A 24 -8.49 24.99 5.02
C PHE A 24 -8.10 25.09 6.48
N ASP A 25 -9.00 25.66 7.26
CA ASP A 25 -9.02 25.47 8.69
C ASP A 25 -9.86 24.23 9.01
N TYR A 26 -9.58 23.63 10.15
CA TYR A 26 -10.22 22.38 10.53
C TYR A 26 -10.89 22.55 11.88
N SER A 27 -12.12 22.04 11.97
CA SER A 27 -12.74 21.89 13.28
C SER A 27 -11.94 20.91 14.13
N ALA A 28 -12.11 21.03 15.45
CA ALA A 28 -11.45 20.09 16.35
C ALA A 28 -11.79 18.65 15.98
N GLY A 29 -13.05 18.40 15.59
CA GLY A 29 -13.46 17.04 15.25
C GLY A 29 -12.77 16.52 14.01
N GLN A 30 -12.64 17.36 12.99
CA GLN A 30 -11.96 16.95 11.77
C GLN A 30 -10.48 16.72 12.03
N PHE A 31 -9.86 17.65 12.74
CA PHE A 31 -8.43 17.56 13.00
C PHE A 31 -8.09 16.32 13.81
N GLU A 32 -8.88 16.04 14.86
CA GLU A 32 -8.58 14.93 15.73
C GLU A 32 -8.91 13.59 15.06
N PHE A 33 -9.93 13.57 14.20
CA PHE A 33 -10.22 12.36 13.46
C PHE A 33 -9.07 11.99 12.53
N ILE A 34 -8.52 12.97 11.81
CA ILE A 34 -7.37 12.69 10.95
C ILE A 34 -6.19 12.23 11.79
N ASP A 35 -5.92 12.93 12.89
CA ASP A 35 -4.83 12.52 13.76
C ASP A 35 -5.01 11.07 14.23
N HIS A 36 -6.24 10.70 14.61
CA HIS A 36 -6.49 9.37 15.14
C HIS A 36 -6.43 8.30 14.05
N LEU A 37 -6.84 8.64 12.82
CA LEU A 37 -6.67 7.70 11.71
C LEU A 37 -5.20 7.36 11.50
N LEU A 38 -4.34 8.37 11.53
CA LEU A 38 -2.92 8.14 11.29
C LEU A 38 -2.30 7.35 12.44
N THR A 39 -2.61 7.71 13.69
CA THR A 39 -2.03 7.02 14.83
CA THR A 39 -2.02 7.01 14.82
C THR A 39 -2.55 5.58 14.92
N MET A 40 -3.83 5.38 14.59
CA MET A 40 -4.35 4.03 14.53
C MET A 40 -3.60 3.22 13.46
N GLY A 41 -3.35 3.84 12.31
CA GLY A 41 -2.58 3.15 11.28
C GLY A 41 -1.20 2.74 11.75
N VAL A 42 -0.53 3.61 12.49
CA VAL A 42 0.77 3.25 13.05
C VAL A 42 0.65 2.00 13.90
N GLY A 43 -0.35 1.96 14.78
CA GLY A 43 -0.49 0.84 15.68
C GLY A 43 -0.80 -0.46 14.96
N VAL A 44 -1.66 -0.39 13.95
CA VAL A 44 -2.05 -1.61 13.24
C VAL A 44 -0.86 -2.21 12.51
N HIS A 45 -0.05 -1.37 11.86
CA HIS A 45 1.10 -1.87 11.12
C HIS A 45 2.16 -2.45 12.04
N PHE A 46 2.42 -1.78 13.18
CA PHE A 46 3.45 -2.29 14.08
C PHE A 46 2.97 -3.52 14.83
N ALA A 47 1.68 -3.62 15.15
CA ALA A 47 1.17 -4.86 15.68
C ALA A 47 1.31 -5.99 14.67
N ALA A 48 0.99 -5.71 13.40
CA ALA A 48 1.14 -6.73 12.36
C ALA A 48 2.59 -7.12 12.18
N LEU A 49 3.51 -6.16 12.31
CA LEU A 49 4.93 -6.45 12.20
C LEU A 49 5.34 -7.58 13.13
N ILE A 50 4.91 -7.51 14.38
CA ILE A 50 5.24 -8.55 15.35
C ILE A 50 4.67 -9.89 14.90
N PHE A 51 3.44 -9.89 14.40
CA PHE A 51 2.85 -11.13 13.92
C PHE A 51 3.69 -11.75 12.80
N PHE A 52 4.06 -10.95 11.80
CA PHE A 52 4.85 -11.47 10.68
C PHE A 52 6.21 -11.95 11.15
N LEU A 53 6.81 -11.25 12.12
CA LEU A 53 8.09 -11.68 12.64
C LEU A 53 7.97 -13.06 13.28
N VAL A 54 6.97 -13.25 14.13
CA VAL A 54 6.86 -14.50 14.89
C VAL A 54 6.55 -15.68 13.98
N VAL A 55 5.72 -15.48 12.95
CA VAL A 55 5.32 -16.63 12.13
C VAL A 55 6.35 -16.99 11.07
N SER A 56 7.35 -16.13 10.83
CA SER A 56 8.37 -16.45 9.84
CA SER A 56 8.37 -16.45 9.84
C SER A 56 9.07 -17.77 10.12
N GLN A 57 9.15 -18.17 11.39
CA GLN A 57 9.82 -19.43 11.73
C GLN A 57 9.04 -20.64 11.26
N PHE A 58 7.76 -20.48 10.92
CA PHE A 58 6.92 -21.56 10.45
C PHE A 58 6.84 -21.63 8.93
N VAL A 59 7.64 -20.82 8.23
CA VAL A 59 7.64 -20.76 6.77
C VAL A 59 8.92 -21.41 6.28
N ALA A 60 8.79 -22.27 5.26
CA ALA A 60 9.94 -22.92 4.67
C ALA A 60 10.90 -21.88 4.08
N PRO A 61 12.19 -22.20 4.04
CA PRO A 61 13.16 -21.22 3.52
C PRO A 61 12.83 -20.69 2.14
N LYS A 62 12.23 -21.53 1.29
CA LYS A 62 11.88 -21.12 -0.07
C LYS A 62 10.94 -19.92 -0.07
N TYR A 63 10.10 -19.79 0.95
CA TYR A 63 9.09 -18.76 0.99
C TYR A 63 9.31 -17.72 2.08
N ARG A 64 10.31 -17.91 2.94
CA ARG A 64 10.43 -17.06 4.12
C ARG A 64 10.66 -15.60 3.75
N ILE A 65 11.29 -15.34 2.60
CA ILE A 65 11.50 -13.96 2.18
C ILE A 65 10.18 -13.23 2.00
N ALA A 66 9.11 -13.95 1.66
CA ALA A 66 7.82 -13.29 1.49
C ALA A 66 7.32 -12.70 2.80
N THR A 67 7.51 -13.42 3.90
N THR A 67 7.52 -13.43 3.91
CA THR A 67 7.09 -12.90 5.20
CA THR A 67 7.12 -12.93 5.22
C THR A 67 8.01 -11.78 5.68
C THR A 67 8.02 -11.79 5.67
N ALA A 68 9.31 -11.89 5.36
CA ALA A 68 10.23 -10.81 5.73
C ALA A 68 9.86 -9.53 4.99
N LEU A 69 9.42 -9.65 3.73
CA LEU A 69 9.02 -8.46 2.97
C LEU A 69 7.81 -7.80 3.62
N SER A 70 6.92 -8.59 4.22
CA SER A 70 5.80 -7.98 4.94
C SER A 70 6.29 -7.21 6.16
N CYS A 71 7.31 -7.73 6.87
CA CYS A 71 7.90 -6.97 7.96
C CYS A 71 8.43 -5.64 7.47
N ILE A 72 9.14 -5.65 6.34
CA ILE A 72 9.69 -4.43 5.79
C ILE A 72 8.57 -3.45 5.43
N VAL A 73 7.50 -3.96 4.82
CA VAL A 73 6.39 -3.09 4.44
C VAL A 73 5.75 -2.48 5.69
N MET A 74 5.55 -3.28 6.74
CA MET A 74 4.92 -2.78 7.95
C MET A 74 5.71 -1.63 8.56
N VAL A 75 7.04 -1.76 8.64
CA VAL A 75 7.83 -0.72 9.30
C VAL A 75 7.96 0.50 8.41
N SER A 76 8.09 0.28 7.11
CA SER A 76 8.11 1.39 6.17
C SER A 76 6.82 2.20 6.24
N ALA A 77 5.68 1.52 6.10
CA ALA A 77 4.40 2.23 6.20
C ALA A 77 4.21 2.84 7.59
N GLY A 78 4.52 2.08 8.64
CA GLY A 78 4.35 2.60 9.99
C GLY A 78 5.17 3.85 10.26
N LEU A 79 6.41 3.87 9.79
CA LEU A 79 7.25 5.05 10.00
C LEU A 79 6.72 6.27 9.25
N ILE A 80 6.18 6.05 8.05
CA ILE A 80 5.67 7.19 7.29
C ILE A 80 4.35 7.68 7.88
N LEU A 81 3.49 6.77 8.30
CA LEU A 81 2.27 7.20 8.99
C LEU A 81 2.57 7.95 10.27
N ASN A 82 3.58 7.49 11.02
CA ASN A 82 4.00 8.18 12.24
C ASN A 82 4.55 9.57 11.92
N SER A 83 5.36 9.68 10.86
CA SER A 83 5.85 10.98 10.43
C SER A 83 4.72 11.91 10.04
N GLN A 84 3.73 11.39 9.29
CA GLN A 84 2.58 12.20 8.91
C GLN A 84 1.83 12.69 10.14
N ALA A 85 1.63 11.81 11.14
CA ALA A 85 0.92 12.20 12.34
C ALA A 85 1.61 13.37 13.04
N VAL A 86 2.93 13.30 13.18
CA VAL A 86 3.65 14.35 13.88
C VAL A 86 3.69 15.62 13.05
N MET A 87 3.88 15.48 11.73
CA MET A 87 3.83 16.64 10.84
C MET A 87 2.48 17.33 10.93
N TRP A 88 1.40 16.55 11.02
CA TRP A 88 0.06 17.10 11.12
C TRP A 88 -0.10 17.94 12.37
N THR A 89 0.37 17.42 13.51
CA THR A 89 0.25 18.16 14.76
C THR A 89 1.27 19.29 14.88
N ASP A 90 2.41 19.20 14.18
CA ASP A 90 3.35 20.30 14.11
C ASP A 90 2.79 21.47 13.29
N ALA A 91 2.01 21.18 12.26
CA ALA A 91 1.65 22.17 11.25
C ALA A 91 0.46 23.05 11.65
N TYR A 92 -0.36 22.61 12.59
CA TYR A 92 -1.60 23.29 12.93
C TYR A 92 -1.65 23.57 14.42
N ALA A 93 -2.32 24.67 14.76
CA ALA A 93 -2.54 25.05 16.14
C ALA A 93 -3.99 25.47 16.29
N TYR A 94 -4.57 25.18 17.46
CA TYR A 94 -5.94 25.54 17.76
C TYR A 94 -5.99 27.02 18.11
N VAL A 95 -6.53 27.83 17.21
CA VAL A 95 -6.63 29.29 17.41
C VAL A 95 -8.06 29.73 17.14
N ASP A 96 -8.65 30.43 18.11
CA ASP A 96 -9.98 31.03 17.94
C ASP A 96 -10.99 30.03 17.40
N GLY A 97 -10.99 28.84 17.98
CA GLY A 97 -12.02 27.86 17.74
C GLY A 97 -11.80 26.92 16.56
N SER A 98 -10.65 26.97 15.89
CA SER A 98 -10.37 26.05 14.80
C SER A 98 -8.86 25.81 14.72
N TYR A 99 -8.49 24.70 14.09
CA TYR A 99 -7.08 24.41 13.83
C TYR A 99 -6.66 25.12 12.56
N GLN A 100 -5.63 25.95 12.67
CA GLN A 100 -5.20 26.81 11.59
C GLN A 100 -3.74 26.57 11.27
N LEU A 101 -3.42 26.64 9.99
CA LEU A 101 -2.07 26.35 9.55
C LEU A 101 -1.08 27.31 10.18
N GLN A 102 -0.03 26.76 10.78
CA GLN A 102 1.06 27.55 11.36
C GLN A 102 2.37 27.39 10.62
N ASP A 103 2.64 26.21 10.06
CA ASP A 103 3.93 25.92 9.47
C ASP A 103 3.75 24.98 8.29
N LEU A 104 4.63 25.12 7.29
CA LEU A 104 4.55 24.33 6.06
C LEU A 104 5.33 23.02 6.27
N THR A 105 4.69 22.09 6.98
CA THR A 105 5.33 20.83 7.30
C THR A 105 4.51 19.60 6.92
N PHE A 106 3.31 19.77 6.34
CA PHE A 106 2.48 18.63 5.97
C PHE A 106 2.24 18.59 4.46
N SER A 107 2.44 17.42 3.87
CA SER A 107 2.03 17.16 2.50
C SER A 107 1.88 15.65 2.34
N ASN A 108 1.12 15.26 1.33
CA ASN A 108 0.95 13.84 1.04
C ASN A 108 2.11 13.26 0.24
N GLY A 109 3.06 14.09 -0.18
CA GLY A 109 4.12 13.60 -1.06
C GLY A 109 4.97 12.53 -0.42
N TYR A 110 5.09 12.55 0.91
CA TYR A 110 5.87 11.51 1.58
C TYR A 110 5.23 10.14 1.40
N ARG A 111 3.89 10.07 1.30
CA ARG A 111 3.28 8.80 0.95
C ARG A 111 3.77 8.30 -0.41
N TYR A 112 3.84 9.21 -1.40
CA TYR A 112 4.26 8.79 -2.74
C TYR A 112 5.68 8.27 -2.74
N VAL A 113 6.61 9.03 -2.17
CA VAL A 113 8.00 8.59 -2.13
C VAL A 113 8.09 7.23 -1.48
N ASN A 114 7.27 7.01 -0.46
CA ASN A 114 7.30 5.72 0.22
C ASN A 114 6.80 4.60 -0.67
N TRP A 115 5.75 4.86 -1.46
CA TRP A 115 5.22 3.83 -2.34
C TRP A 115 6.31 3.29 -3.24
N MET A 116 7.28 4.13 -3.59
CA MET A 116 8.40 3.68 -4.41
C MET A 116 9.07 2.48 -3.77
N ALA A 117 9.00 2.38 -2.45
CA ALA A 117 9.63 1.31 -1.70
C ALA A 117 8.66 0.20 -1.35
N THR A 118 7.42 0.52 -0.96
CA THR A 118 6.55 -0.54 -0.48
C THR A 118 5.91 -1.31 -1.63
N ILE A 119 5.61 -0.67 -2.75
CA ILE A 119 4.96 -1.38 -3.85
C ILE A 119 5.87 -2.47 -4.41
N PRO A 120 7.17 -2.24 -4.64
CA PRO A 120 8.03 -3.35 -5.08
C PRO A 120 8.05 -4.50 -4.09
N CYS A 121 8.01 -4.23 -2.78
CA CYS A 121 7.96 -5.30 -1.80
C CYS A 121 6.66 -6.09 -1.89
N LEU A 122 5.53 -5.39 -2.03
CA LEU A 122 4.25 -6.09 -2.15
C LEU A 122 4.22 -6.95 -3.40
N LEU A 123 4.78 -6.45 -4.51
CA LEU A 123 4.78 -7.24 -5.73
C LEU A 123 5.72 -8.44 -5.63
N LEU A 124 6.90 -8.24 -5.04
CA LEU A 124 7.87 -9.33 -4.98
C LEU A 124 7.35 -10.49 -4.15
N GLN A 125 6.65 -10.20 -3.04
CA GLN A 125 6.21 -11.33 -2.21
C GLN A 125 5.13 -12.14 -2.92
N LEU A 126 4.34 -11.49 -3.78
CA LEU A 126 3.39 -12.21 -4.61
C LEU A 126 4.12 -13.16 -5.56
N LEU A 127 5.15 -12.66 -6.25
CA LEU A 127 5.87 -13.52 -7.20
C LEU A 127 6.54 -14.69 -6.51
N ILE A 128 6.98 -14.51 -5.28
CA ILE A 128 7.64 -15.59 -4.56
C ILE A 128 6.66 -16.72 -4.26
N VAL A 129 5.46 -16.39 -3.79
CA VAL A 129 4.52 -17.46 -3.47
C VAL A 129 3.90 -18.07 -4.73
N LEU A 130 3.97 -17.37 -5.87
CA LEU A 130 3.58 -17.96 -7.15
C LEU A 130 4.58 -18.99 -7.65
N ASN A 131 5.70 -19.17 -6.93
CA ASN A 131 6.74 -20.14 -7.25
C ASN A 131 7.53 -19.78 -8.51
N LEU A 132 7.59 -18.50 -8.85
CA LEU A 132 8.51 -18.05 -9.89
C LEU A 132 9.94 -18.11 -9.35
N LYS A 133 10.88 -18.35 -10.24
CA LYS A 133 12.27 -18.48 -9.83
C LYS A 133 13.16 -18.07 -10.97
N GLY A 134 14.43 -17.83 -10.65
CA GLY A 134 15.44 -17.66 -11.68
C GLY A 134 15.17 -16.48 -12.57
N LYS A 135 15.32 -16.71 -13.88
CA LYS A 135 15.25 -15.61 -14.82
C LYS A 135 13.84 -15.05 -14.93
N GLU A 136 12.81 -15.90 -14.82
CA GLU A 136 11.47 -15.38 -14.94
C GLU A 136 11.13 -14.47 -13.76
N LEU A 137 11.57 -14.85 -12.56
CA LEU A 137 11.36 -13.99 -11.39
C LEU A 137 12.01 -12.64 -11.61
N PHE A 138 13.31 -12.64 -11.95
CA PHE A 138 14.05 -11.38 -12.10
CA PHE A 138 14.05 -11.38 -12.10
C PHE A 138 13.47 -10.53 -13.22
N SER A 139 13.10 -11.17 -14.34
CA SER A 139 12.56 -10.43 -15.47
C SER A 139 11.17 -9.88 -15.18
N THR A 140 10.31 -10.69 -14.58
CA THR A 140 8.97 -10.22 -14.26
C THR A 140 9.01 -9.11 -13.23
N ALA A 141 9.83 -9.27 -12.19
CA ALA A 141 9.95 -8.26 -11.16
C ALA A 141 10.45 -6.94 -11.73
N THR A 142 11.34 -7.00 -12.71
CA THR A 142 11.90 -5.79 -13.30
C THR A 142 10.85 -5.01 -14.07
N TRP A 143 10.08 -5.69 -14.93
CA TRP A 143 9.04 -4.99 -15.66
C TRP A 143 7.97 -4.44 -14.71
N LEU A 144 7.63 -5.20 -13.67
CA LEU A 144 6.60 -4.75 -12.74
C LEU A 144 7.05 -3.55 -11.93
N ILE A 145 8.32 -3.55 -11.49
CA ILE A 145 8.81 -2.44 -10.68
C ILE A 145 8.96 -1.19 -11.53
N LEU A 146 9.40 -1.35 -12.78
CA LEU A 146 9.48 -0.21 -13.69
C LEU A 146 8.10 0.37 -13.94
N ALA A 147 7.11 -0.49 -14.22
CA ALA A 147 5.74 -0.01 -14.42
C ALA A 147 5.22 0.68 -13.16
N ALA A 148 5.48 0.09 -11.99
CA ALA A 148 4.98 0.68 -10.75
C ALA A 148 5.63 2.03 -10.49
N TRP A 149 6.94 2.14 -10.73
CA TRP A 149 7.61 3.41 -10.52
C TRP A 149 7.10 4.46 -11.50
N GLY A 150 6.86 4.08 -12.75
CA GLY A 150 6.27 5.00 -13.69
C GLY A 150 4.93 5.52 -13.22
N MET A 151 4.09 4.62 -12.69
CA MET A 151 2.81 5.00 -12.13
C MET A 151 2.98 5.98 -10.97
N ILE A 152 3.91 5.70 -10.07
CA ILE A 152 4.04 6.53 -8.87
C ILE A 152 4.61 7.89 -9.21
N ILE A 153 5.64 7.92 -10.05
CA ILE A 153 6.29 9.19 -10.39
C ILE A 153 5.33 10.12 -11.11
N THR A 154 4.56 9.58 -12.06
CA THR A 154 3.61 10.43 -12.79
C THR A 154 2.48 10.88 -11.89
N GLY A 155 2.04 10.00 -10.98
CA GLY A 155 1.06 10.44 -9.99
C GLY A 155 1.63 11.50 -9.08
N TYR A 156 2.89 11.35 -8.67
CA TYR A 156 3.50 12.33 -7.79
C TYR A 156 3.52 13.70 -8.44
N VAL A 157 3.98 13.77 -9.69
CA VAL A 157 4.00 15.05 -10.40
C VAL A 157 2.59 15.60 -10.52
N GLY A 158 1.62 14.73 -10.80
CA GLY A 158 0.25 15.18 -10.94
C GLY A 158 -0.27 15.89 -9.70
N GLN A 159 -0.03 15.32 -8.52
CA GLN A 159 -0.63 15.89 -7.30
C GLN A 159 0.06 17.18 -6.86
N LEU A 160 1.23 17.52 -7.42
CA LEU A 160 1.79 18.84 -7.20
C LEU A 160 0.88 19.93 -7.74
N TYR A 161 -0.07 19.56 -8.60
CA TYR A 161 -0.95 20.52 -9.26
C TYR A 161 -2.38 20.47 -8.73
N GLU A 162 -2.64 19.73 -7.67
CA GLU A 162 -4.04 19.54 -7.25
C GLU A 162 -4.67 20.83 -6.78
N VAL A 163 -3.87 21.83 -6.40
CA VAL A 163 -4.41 23.16 -6.09
C VAL A 163 -4.45 24.03 -7.33
N ASP A 164 -3.34 24.14 -8.05
CA ASP A 164 -3.17 25.19 -9.04
C ASP A 164 -3.66 24.81 -10.44
N ASP A 165 -3.65 23.53 -10.79
CA ASP A 165 -3.92 23.15 -12.18
C ASP A 165 -4.55 21.75 -12.20
N ILE A 166 -5.88 21.72 -12.03
CA ILE A 166 -6.58 20.45 -12.02
C ILE A 166 -6.48 19.74 -13.37
N ALA A 167 -6.39 20.50 -14.46
CA ALA A 167 -6.20 19.88 -15.77
C ALA A 167 -4.93 19.06 -15.80
N GLN A 168 -3.85 19.57 -15.19
CA GLN A 168 -2.60 18.83 -15.20
C GLN A 168 -2.65 17.63 -14.26
N LEU A 169 -3.38 17.73 -13.15
CA LEU A 169 -3.60 16.57 -12.31
C LEU A 169 -4.29 15.45 -13.09
N MET A 170 -5.28 15.82 -13.92
CA MET A 170 -6.01 14.82 -14.69
CA MET A 170 -6.00 14.82 -14.69
C MET A 170 -5.14 14.16 -15.75
N ILE A 171 -4.30 14.95 -16.43
CA ILE A 171 -3.49 14.39 -17.51
C ILE A 171 -2.37 13.51 -16.96
N TRP A 172 -1.70 13.94 -15.90
CA TRP A 172 -0.71 13.08 -15.28
C TRP A 172 -1.36 11.84 -14.70
N GLY A 173 -2.61 11.96 -14.23
CA GLY A 173 -3.30 10.80 -13.68
C GLY A 173 -3.71 9.82 -14.75
N ALA A 174 -3.97 10.30 -15.97
CA ALA A 174 -4.28 9.40 -17.06
C ALA A 174 -3.03 8.63 -17.50
N VAL A 175 -1.88 9.31 -17.57
CA VAL A 175 -0.64 8.62 -17.84
C VAL A 175 -0.35 7.59 -16.76
N SER A 176 -0.55 7.99 -15.50
CA SER A 176 -0.32 7.07 -14.38
C SER A 176 -1.23 5.85 -14.47
N THR A 177 -2.50 6.07 -14.83
CA THR A 177 -3.45 4.98 -14.93
C THR A 177 -3.07 4.01 -16.03
N ALA A 178 -2.44 4.48 -17.11
CA ALA A 178 -1.97 3.56 -18.13
C ALA A 178 -0.92 2.61 -17.58
N PHE A 179 0.02 3.12 -16.77
CA PHE A 179 1.00 2.24 -16.15
C PHE A 179 0.32 1.23 -15.24
N PHE A 180 -0.68 1.70 -14.48
CA PHE A 180 -1.41 0.84 -13.54
C PHE A 180 -2.08 -0.31 -14.26
N VAL A 181 -2.71 -0.03 -15.40
CA VAL A 181 -3.42 -1.05 -16.16
C VAL A 181 -2.44 -2.09 -16.68
N VAL A 182 -1.31 -1.64 -17.23
CA VAL A 182 -0.33 -2.58 -17.76
C VAL A 182 0.26 -3.42 -16.64
N MET A 183 0.54 -2.79 -15.50
CA MET A 183 1.05 -3.53 -14.34
C MET A 183 0.06 -4.62 -13.94
N ASN A 184 -1.22 -4.29 -13.89
CA ASN A 184 -2.23 -5.26 -13.47
C ASN A 184 -2.38 -6.38 -14.48
N TRP A 185 -2.22 -6.06 -15.77
CA TRP A 185 -2.25 -7.11 -16.78
C TRP A 185 -1.09 -8.08 -16.60
N ILE A 186 0.11 -7.58 -16.31
CA ILE A 186 1.23 -8.48 -16.07
C ILE A 186 0.95 -9.37 -14.86
N VAL A 187 0.54 -8.76 -13.75
CA VAL A 187 0.24 -9.51 -12.53
C VAL A 187 -0.82 -10.57 -12.79
N GLY A 188 -1.93 -10.17 -13.41
CA GLY A 188 -3.00 -11.12 -13.65
C GLY A 188 -2.57 -12.25 -14.55
N THR A 189 -1.78 -11.95 -15.56
CA THR A 189 -1.35 -12.99 -16.49
C THR A 189 -0.47 -14.02 -15.78
N LYS A 190 0.47 -13.56 -14.94
CA LYS A 190 1.34 -14.50 -14.24
C LYS A 190 0.56 -15.34 -13.25
N ILE A 191 -0.39 -14.73 -12.55
CA ILE A 191 -1.20 -15.49 -11.60
C ILE A 191 -1.97 -16.59 -12.32
N PHE A 192 -2.71 -16.24 -13.38
CA PHE A 192 -3.55 -17.23 -14.00
C PHE A 192 -2.76 -18.29 -14.77
N LYS A 193 -1.55 -17.98 -15.21
CA LYS A 193 -0.74 -18.98 -15.88
C LYS A 193 0.10 -19.84 -14.94
N ASN A 194 0.20 -19.47 -13.67
CA ASN A 194 1.05 -20.21 -12.74
C ASN A 194 0.31 -20.76 -11.53
N ARG A 195 -0.99 -20.52 -11.40
CA ARG A 195 -1.65 -20.97 -10.19
C ARG A 195 -1.74 -22.49 -10.13
N ALA A 196 -1.58 -23.18 -11.27
CA ALA A 196 -1.58 -24.65 -11.25
C ALA A 196 -0.33 -25.22 -10.58
N THR A 197 0.72 -24.41 -10.40
CA THR A 197 1.90 -24.86 -9.68
C THR A 197 1.74 -24.77 -8.17
N MET A 198 0.66 -24.17 -7.67
CA MET A 198 0.57 -23.88 -6.25
CA MET A 198 0.54 -23.88 -6.25
C MET A 198 0.06 -25.09 -5.48
N LEU A 199 0.63 -25.27 -4.28
CA LEU A 199 0.38 -26.42 -3.45
C LEU A 199 -0.67 -26.15 -2.39
N GLY A 200 -1.20 -27.23 -1.82
CA GLY A 200 -2.08 -27.14 -0.67
C GLY A 200 -3.41 -26.49 -0.94
N GLY A 201 -3.85 -26.44 -2.19
CA GLY A 201 -5.07 -25.75 -2.52
C GLY A 201 -4.96 -24.24 -2.64
N THR A 202 -3.75 -23.70 -2.56
CA THR A 202 -3.59 -22.25 -2.63
C THR A 202 -3.75 -21.71 -4.05
N ASP A 203 -3.93 -22.59 -5.03
CA ASP A 203 -4.30 -22.14 -6.37
C ASP A 203 -5.64 -21.42 -6.33
N SER A 204 -6.50 -21.77 -5.38
CA SER A 204 -7.76 -21.06 -5.20
C SER A 204 -7.57 -19.76 -4.42
N THR A 205 -6.68 -19.77 -3.43
CA THR A 205 -6.49 -18.60 -2.59
C THR A 205 -5.86 -17.45 -3.38
N ILE A 206 -4.91 -17.76 -4.27
CA ILE A 206 -4.18 -16.71 -4.99
C ILE A 206 -5.11 -15.88 -5.85
N THR A 207 -6.16 -16.49 -6.41
CA THR A 207 -7.13 -15.75 -7.21
C THR A 207 -7.85 -14.70 -6.37
N LYS A 208 -8.14 -15.03 -5.09
CA LYS A 208 -8.76 -14.07 -4.20
C LYS A 208 -7.80 -12.94 -3.84
N VAL A 209 -6.52 -13.25 -3.69
CA VAL A 209 -5.53 -12.20 -3.47
C VAL A 209 -5.53 -11.21 -4.61
N PHE A 210 -5.60 -11.69 -5.86
CA PHE A 210 -5.61 -10.80 -7.01
C PHE A 210 -6.79 -9.84 -6.95
N TRP A 211 -7.97 -10.34 -6.60
CA TRP A 211 -9.15 -9.49 -6.53
C TRP A 211 -9.09 -8.53 -5.36
N LEU A 212 -8.55 -8.98 -4.22
CA LEU A 212 -8.31 -8.05 -3.12
C LEU A 212 -7.39 -6.93 -3.56
N MET A 213 -6.34 -7.28 -4.32
CA MET A 213 -5.39 -6.28 -4.80
CA MET A 213 -5.40 -6.27 -4.81
C MET A 213 -6.08 -5.27 -5.71
N MET A 214 -6.87 -5.75 -6.66
CA MET A 214 -7.56 -4.85 -7.58
CA MET A 214 -7.56 -4.84 -7.58
C MET A 214 -8.43 -3.86 -6.82
N PHE A 215 -9.17 -4.35 -5.82
CA PHE A 215 -10.05 -3.48 -5.04
C PHE A 215 -9.25 -2.46 -4.25
N ALA A 216 -8.27 -2.95 -3.46
CA ALA A 216 -7.56 -2.07 -2.55
C ALA A 216 -6.72 -1.05 -3.28
N TRP A 217 -6.01 -1.46 -4.35
CA TRP A 217 -5.14 -0.52 -5.04
C TRP A 217 -5.94 0.54 -5.81
N THR A 218 -7.17 0.22 -6.20
CA THR A 218 -7.98 1.20 -6.93
C THR A 218 -8.48 2.31 -6.02
N LEU A 219 -8.46 2.11 -4.69
CA LEU A 219 -8.86 3.18 -3.79
C LEU A 219 -7.89 4.36 -3.83
N TYR A 220 -6.62 4.10 -4.14
CA TYR A 220 -5.64 5.19 -4.19
C TYR A 220 -5.97 6.21 -5.28
N PRO A 221 -6.25 5.82 -6.52
CA PRO A 221 -6.60 6.85 -7.51
C PRO A 221 -7.88 7.58 -7.18
N ILE A 222 -8.81 6.93 -6.48
CA ILE A 222 -10.00 7.63 -6.02
C ILE A 222 -9.62 8.72 -5.02
N ALA A 223 -8.72 8.39 -4.07
CA ALA A 223 -8.20 9.42 -3.16
C ALA A 223 -7.48 10.53 -3.92
N TYR A 224 -6.69 10.17 -4.94
CA TYR A 224 -5.97 11.15 -5.76
C TYR A 224 -6.91 12.18 -6.38
N LEU A 225 -8.15 11.78 -6.69
CA LEU A 225 -9.07 12.65 -7.39
C LEU A 225 -9.95 13.47 -6.47
N VAL A 226 -9.89 13.26 -5.16
CA VAL A 226 -10.73 14.02 -4.23
C VAL A 226 -10.65 15.52 -4.51
N PRO A 227 -9.46 16.09 -4.79
CA PRO A 227 -9.41 17.54 -5.04
C PRO A 227 -10.29 17.99 -6.19
N ALA A 228 -10.55 17.11 -7.15
CA ALA A 228 -11.36 17.48 -8.30
C ALA A 228 -12.85 17.51 -7.98
N PHE A 229 -13.32 16.68 -7.04
CA PHE A 229 -14.75 16.57 -6.79
C PHE A 229 -15.18 16.90 -5.37
N MET A 230 -14.26 17.10 -4.44
CA MET A 230 -14.65 17.45 -3.08
C MET A 230 -13.53 18.28 -2.46
N ASN A 231 -13.38 19.50 -2.99
CA ASN A 231 -12.30 20.42 -2.58
C ASN A 231 -12.80 21.25 -1.39
N ASN A 232 -12.78 20.61 -0.22
CA ASN A 232 -13.15 21.25 1.04
C ASN A 232 -12.57 20.41 2.17
N ALA A 233 -12.75 20.89 3.40
CA ALA A 233 -12.14 20.23 4.55
C ALA A 233 -12.66 18.81 4.72
N ASP A 234 -13.91 18.54 4.35
CA ASP A 234 -14.41 17.17 4.48
C ASP A 234 -13.81 16.25 3.42
N GLY A 235 -13.44 16.79 2.26
CA GLY A 235 -12.71 16.01 1.28
C GLY A 235 -11.31 15.64 1.76
N VAL A 236 -10.68 16.53 2.53
CA VAL A 236 -9.40 16.19 3.14
C VAL A 236 -9.56 14.99 4.09
N VAL A 237 -10.62 15.00 4.88
CA VAL A 237 -10.88 13.90 5.80
C VAL A 237 -11.19 12.62 5.03
N LEU A 238 -12.03 12.73 4.00
CA LEU A 238 -12.37 11.55 3.22
C LEU A 238 -11.13 10.93 2.58
N ARG A 239 -10.24 11.76 2.04
CA ARG A 239 -9.03 11.24 1.43
C ARG A 239 -8.19 10.46 2.43
N GLN A 240 -8.04 11.00 3.66
CA GLN A 240 -7.28 10.26 4.66
C GLN A 240 -8.00 8.98 5.07
N LEU A 241 -9.33 9.01 5.12
CA LEU A 241 -10.08 7.79 5.41
C LEU A 241 -9.87 6.75 4.32
N LEU A 242 -9.91 7.16 3.05
CA LEU A 242 -9.69 6.22 1.96
C LEU A 242 -8.28 5.66 1.98
N PHE A 243 -7.27 6.52 2.17
CA PHE A 243 -5.90 6.04 2.33
C PHE A 243 -5.78 5.01 3.46
N THR A 244 -6.48 5.23 4.56
CA THR A 244 -6.41 4.30 5.69
C THR A 244 -7.02 2.94 5.32
N ILE A 245 -8.20 2.94 4.72
CA ILE A 245 -8.80 1.70 4.27
C ILE A 245 -7.88 1.00 3.28
N ALA A 246 -7.36 1.77 2.32
CA ALA A 246 -6.53 1.18 1.28
C ALA A 246 -5.23 0.62 1.84
N ASP A 247 -4.60 1.35 2.77
CA ASP A 247 -3.35 0.90 3.37
C ASP A 247 -3.54 -0.42 4.12
N ILE A 248 -4.56 -0.47 4.98
CA ILE A 248 -4.80 -1.69 5.76
C ILE A 248 -5.10 -2.85 4.83
N SER A 249 -5.90 -2.63 3.79
CA SER A 249 -6.26 -3.71 2.88
C SER A 249 -5.08 -4.15 2.01
N SER A 250 -4.33 -3.19 1.46
CA SER A 250 -3.28 -3.52 0.51
C SER A 250 -2.00 -4.01 1.17
N LYS A 251 -1.80 -3.71 2.45
CA LYS A 251 -0.57 -4.07 3.13
C LYS A 251 -0.81 -5.11 4.21
N VAL A 252 -1.77 -4.88 5.11
CA VAL A 252 -1.94 -5.77 6.25
C VAL A 252 -2.75 -7.00 5.85
N ILE A 253 -3.96 -6.81 5.34
CA ILE A 253 -4.79 -7.94 4.95
C ILE A 253 -4.12 -8.73 3.84
N TYR A 254 -3.62 -8.04 2.83
CA TYR A 254 -2.87 -8.69 1.76
C TYR A 254 -1.71 -9.52 2.33
N GLY A 255 -0.93 -8.92 3.25
CA GLY A 255 0.20 -9.63 3.80
C GLY A 255 -0.21 -10.87 4.57
N LEU A 256 -1.33 -10.80 5.27
CA LEU A 256 -1.83 -11.98 5.99
C LEU A 256 -2.18 -13.11 5.02
N MET A 257 -2.78 -12.77 3.88
CA MET A 257 -3.10 -13.79 2.89
C MET A 257 -1.85 -14.35 2.24
N ILE A 258 -0.86 -13.50 1.95
CA ILE A 258 0.41 -13.98 1.43
C ILE A 258 1.08 -14.93 2.42
N THR A 259 1.07 -14.55 3.71
CA THR A 259 1.66 -15.41 4.73
C THR A 259 0.92 -16.73 4.86
N TYR A 260 -0.40 -16.69 4.82
CA TYR A 260 -1.18 -17.94 4.84
C TYR A 260 -0.78 -18.85 3.67
N ILE A 261 -0.67 -18.28 2.47
CA ILE A 261 -0.27 -19.08 1.31
C ILE A 261 1.13 -19.64 1.49
N ALA A 262 2.04 -18.84 2.06
CA ALA A 262 3.40 -19.31 2.26
C ALA A 262 3.45 -20.47 3.24
N ILE A 263 2.69 -20.38 4.33
CA ILE A 263 2.71 -21.44 5.33
C ILE A 263 2.04 -22.70 4.78
N GLN A 264 0.92 -22.52 4.08
CA GLN A 264 0.18 -23.65 3.53
C GLN A 264 1.01 -24.40 2.49
N GLN A 265 1.73 -23.68 1.63
CA GLN A 265 2.60 -24.34 0.67
C GLN A 265 3.82 -24.94 1.34
N SER A 266 4.33 -24.30 2.40
CA SER A 266 5.41 -24.86 3.17
C SER A 266 5.02 -26.21 3.75
N ALA A 267 3.81 -26.29 4.31
CA ALA A 267 3.34 -27.54 4.90
C ALA A 267 3.17 -28.61 3.83
N ALA A 268 2.49 -28.28 2.74
CA ALA A 268 2.32 -29.23 1.65
C ALA A 268 3.66 -29.69 1.10
N ALA A 269 4.72 -28.91 1.26
CA ALA A 269 6.04 -29.28 0.79
C ALA A 269 6.85 -30.06 1.83
N GLY A 270 6.25 -30.38 2.98
CA GLY A 270 6.93 -31.17 3.99
C GLY A 270 7.76 -30.42 5.00
N TYR A 271 7.58 -29.10 5.14
CA TYR A 271 8.29 -28.34 6.16
C TYR A 271 7.56 -28.56 7.48
N VAL A 272 8.24 -29.22 8.43
CA VAL A 272 7.55 -29.66 9.65
C VAL A 272 7.02 -28.51 10.47
N PRO A 273 7.80 -27.46 10.78
CA PRO A 273 7.23 -26.36 11.58
C PRO A 273 5.97 -25.79 10.97
N ALA A 274 5.87 -25.77 9.64
CA ALA A 274 4.63 -25.33 9.01
C ALA A 274 3.50 -26.31 9.29
N GLN A 275 3.79 -27.61 9.20
CA GLN A 275 2.75 -28.62 9.44
C GLN A 275 2.23 -28.55 10.87
N GLN A 276 3.13 -28.40 11.85
CA GLN A 276 2.70 -28.32 13.24
C GLN A 276 1.93 -27.04 13.50
N ALA A 277 2.36 -25.92 12.92
CA ALA A 277 1.67 -24.66 13.14
C ALA A 277 0.24 -24.71 12.66
N LEU A 278 0.00 -25.39 11.54
CA LEU A 278 -1.35 -25.52 11.01
C LEU A 278 -2.10 -26.66 11.72
C1 RET B . -1.88 7.19 -8.24
C2 RET B . -2.03 8.42 -9.14
C3 RET B . -3.36 8.34 -9.86
C4 RET B . -3.41 7.14 -10.80
C5 RET B . -3.08 5.90 -10.03
C6 RET B . -2.39 5.91 -8.88
C7 RET B . -2.22 4.63 -8.16
C8 RET B . -1.56 4.48 -7.02
C9 RET B . -1.46 3.18 -6.32
C10 RET B . -0.85 3.13 -5.13
C11 RET B . -0.71 1.93 -4.31
C12 RET B . -0.16 2.14 -3.10
C13 RET B . -0.04 1.06 -2.09
C14 RET B . 0.34 1.41 -0.86
C15 RET B . 0.49 0.54 0.30
C16 RET B . -0.37 7.12 -8.02
C17 RET B . -2.60 7.49 -6.93
C18 RET B . -3.47 4.65 -10.78
C19 RET B . -2.10 1.97 -6.94
C20 RET B . -0.36 -0.36 -2.44
BR BR C . 3.27 3.07 2.24
BR BR D . 2.94 -10.28 3.63
BR BR E . -1.99 12.57 -4.26
BR BR F . -0.59 3.98 2.21
BR BR G . 12.27 -25.01 1.42
BR BR H . -17.12 18.49 12.78
BR BR I . -8.69 -20.46 -0.43
BR BR J . -15.82 19.80 16.66
BR BR K . -0.74 13.59 20.88
C18 OLC L . -6.11 6.39 -18.85
C10 OLC L . -9.11 -2.71 -19.20
C9 OLC L . -8.42 -3.64 -18.55
C17 OLC L . -7.27 5.72 -19.58
C11 OLC L . -9.05 -1.23 -18.83
C8 OLC L . -7.52 -3.33 -17.35
C24 OLC L . -5.56 -14.99 -18.96
C16 OLC L . -6.91 4.27 -19.89
C12 OLC L . -8.67 -0.40 -20.06
C7 OLC L . -6.53 -4.47 -17.14
C15 OLC L . -8.17 3.41 -19.88
C13 OLC L . -9.02 1.06 -19.83
C6 OLC L . -6.63 -5.00 -15.72
C14 OLC L . -7.81 1.95 -20.14
C5 OLC L . -5.89 -6.34 -15.66
C4 OLC L . -6.95 -7.44 -15.51
C3 OLC L . -6.26 -8.79 -15.58
C2 OLC L . -6.07 -9.17 -17.05
C21 OLC L . -5.92 -12.69 -18.07
C1 OLC L . -5.52 -10.59 -17.10
C22 OLC L . -5.08 -13.55 -19.02
O19 OLC L . -5.02 -11.05 -16.12
O25 OLC L . -4.46 -15.86 -18.93
O23 OLC L . -5.23 -13.02 -20.31
O20 OLC L . -5.58 -11.35 -18.27
C24 OLC M . 7.06 -10.42 -18.15
C6 OLC M . 4.65 -1.45 -22.23
C5 OLC M . 5.87 -2.37 -22.14
C4 OLC M . 5.51 -3.64 -21.37
C3 OLC M . 5.95 -4.89 -22.15
C2 OLC M . 6.93 -5.73 -21.33
C21 OLC M . 5.71 -8.59 -19.21
C1 OLC M . 6.15 -6.59 -20.35
C22 OLC M . 6.01 -10.09 -19.22
O19 OLC M . 5.17 -6.16 -19.85
O25 OLC M . 7.99 -11.32 -18.66
O23 OLC M . 4.82 -10.78 -18.97
O20 OLC M . 6.59 -7.90 -20.04
C1 OLA N . 13.67 -17.87 -2.78
O1 OLA N . 12.95 -18.89 -2.84
O2 OLA N . 14.35 -17.66 -1.76
C2 OLA N . 13.70 -16.92 -3.95
C3 OLA N . 13.60 -15.49 -3.44
C4 OLA N . 14.83 -14.66 -3.80
C5 OLA N . 14.71 -13.26 -3.23
C6 OLA N . 15.23 -12.20 -4.20
C7 OLA N . 14.43 -12.16 -5.49
C8 OLA N . 14.42 -10.76 -6.07
C9 OLA N . 14.23 -10.84 -7.57
C10 OLA N . 14.69 -9.73 -8.41
C11 OLA N . 14.47 -8.30 -7.96
C12 OLA N . 15.11 -7.37 -8.98
C13 OLA N . 14.53 -5.97 -8.90
C14 OLA N . 14.76 -5.23 -10.21
C15 OLA N . 14.66 -3.73 -10.02
C16 OLA N . 14.93 -2.99 -11.31
C17 OLA N . 14.88 -1.48 -11.10
C18 OLA N . 15.48 -0.74 -12.29
C1 OLA O . 9.01 15.44 -14.95
O1 OLA O . 8.58 16.60 -14.76
O2 OLA O . 10.21 15.31 -15.24
C2 OLA O . 8.11 14.23 -14.84
C3 OLA O . 8.46 13.20 -15.91
C4 OLA O . 9.01 11.89 -15.32
C5 OLA O . 8.21 10.66 -15.75
C6 OLA O . 9.14 9.57 -16.29
C7 OLA O . 8.65 8.16 -15.98
C8 OLA O . 9.85 7.26 -15.64
C9 OLA O . 9.44 5.81 -15.55
C10 OLA O . 10.20 4.89 -14.68
C11 OLA O . 11.68 5.09 -14.49
C12 OLA O . 12.17 4.28 -13.30
C13 OLA O . 13.49 4.84 -12.78
C14 OLA O . 13.28 5.99 -11.80
C15 OLA O . 13.95 5.71 -10.46
C16 OLA O . 13.71 6.84 -9.46
C17 OLA O . 14.78 6.87 -8.38
C18 OLA O . 15.69 8.09 -8.49
C1 OLA P . 0.97 13.24 17.25
O1 OLA P . -0.22 13.07 16.88
O2 OLA P . 1.33 14.35 17.72
C2 OLA P . 1.97 12.12 17.10
C3 OLA P . 1.54 10.92 17.95
C4 OLA P . 2.15 9.64 17.40
C5 OLA P . 2.29 8.60 18.51
C6 OLA P . 1.98 7.18 18.02
C7 OLA P . 3.10 6.24 18.43
C8 OLA P . 2.71 4.80 18.20
C9 OLA P . 2.15 4.23 19.48
C10 OLA P . 2.48 2.86 19.89
C11 OLA P . 2.55 1.74 18.87
C12 OLA P . 2.85 0.46 19.63
C13 OLA P . 2.76 -0.75 18.72
C14 OLA P . 1.90 -1.85 19.34
C15 OLA P . 2.47 -3.23 19.05
C16 OLA P . 3.70 -3.51 19.91
C1 OLA Q . 6.70 -21.05 19.20
O1 OLA Q . 5.51 -20.99 18.86
O2 OLA Q . 7.22 -22.16 19.44
C2 OLA Q . 7.54 -19.79 19.30
C3 OLA Q . 6.66 -18.62 19.69
C4 OLA Q . 7.35 -17.69 20.69
C5 OLA Q . 6.35 -16.67 21.25
C6 OLA Q . 6.97 -15.28 21.37
C7 OLA Q . 6.08 -14.20 20.75
C8 OLA Q . 5.50 -13.24 21.79
C9 OLA Q . 5.40 -11.85 21.21
C10 OLA Q . 5.28 -10.70 22.12
C11 OLA Q . 4.44 -10.79 23.38
C1 OLA R . 2.51 20.20 -19.15
O1 OLA R . 2.08 21.12 -19.89
O2 OLA R . 3.52 20.41 -18.45
C2 OLA R . 1.79 18.87 -19.07
C3 OLA R . 2.80 17.76 -19.30
C4 OLA R . 2.12 16.39 -19.35
C5 OLA R . 3.13 15.31 -19.73
C6 OLA R . 2.46 13.93 -19.77
C7 OLA R . 3.22 12.98 -20.68
C8 OLA R . 4.18 12.09 -19.90
C9 OLA R . 4.56 10.89 -20.73
C10 OLA R . 5.12 9.69 -20.08
C11 OLA R . 6.13 9.82 -18.98
C3 OLA S . -11.02 21.18 -16.06
C4 OLA S . -10.80 20.49 -17.41
C5 OLA S . -11.77 19.34 -17.62
C6 OLA S . -11.16 18.26 -18.52
C7 OLA S . -11.89 16.93 -18.40
C8 OLA S . -10.91 15.76 -18.55
C9 OLA S . -11.68 14.48 -18.82
C10 OLA S . -11.30 13.23 -18.14
C11 OLA S . -9.85 12.93 -17.86
C12 OLA S . -9.77 11.64 -17.03
C13 OLA S . -8.48 11.56 -16.21
C14 OLA S . -8.25 10.15 -15.70
C15 OLA S . -7.66 10.17 -14.30
C16 OLA S . -7.44 8.76 -13.78
#